data_1ZKQ
#
_entry.id   1ZKQ
#
_cell.length_a   108.830
_cell.length_b   108.830
_cell.length_c   205.950
_cell.angle_alpha   90.00
_cell.angle_beta   90.00
_cell.angle_gamma   90.00
#
_symmetry.space_group_name_H-M   'I 41 2 2'
#
loop_
_entity.id
_entity.type
_entity.pdbx_description
1 polymer 'Thioredoxin reductase 2, mitochondrial'
2 non-polymer 'FLAVIN-ADENINE DINUCLEOTIDE'
3 water water
#
_entity_poly.entity_id   1
_entity_poly.type   'polypeptide(L)'
_entity_poly.pdbx_seq_one_letter_code
;MGSSHHHHHHSSGLVPRGSHMASASAAGGQQSFDLLVIGGGSGGLACAKEAAQLGKKVAVADYVEPSPRGTKWGLGGTCV
NVGCIPKKLMHQAALLGGMIRDAHHYGWEVAQPVQHNWKTMAEAVQNHVKSLNWGHRVQLQDRKVKYFNIKASFVDEHTV
RGVDKGGKATLLSAEHIVIATGGRPRYPTQVKGALEYGITSDDIFWLKESPGKTLVVGASYVALECAGFLTGIGLDTTVM
MRSIPLRGFDQQMSSLVTEHMESHGTQFLKGCVPSHIKKLPTNQLQVTWEDHASGKEDTGTFDTVLWAIGRVPETRTLNL
EKAGISTNPKNQKIIVDAQEATSVPHIYAIGDVAEGRPELTPTAIKAGKLLAQRLFGKSSTLMDYSNVPTTVFTPLEYGC
VGLSEEEAVALHGQEHVEVYHAYYKPLEFTVADRDASQCYIKMVCMREPPQLVLGLHFLGPNAGEVTQGFALGIKCGASY
AQVMQTVGIHPTCSEEVVKLHISKRSGLEPTVTGCCG
;
_entity_poly.pdbx_strand_id   A
#
# COMPACT_ATOMS: atom_id res chain seq x y z
N GLN A 30 -6.17 -21.55 26.31
CA GLN A 30 -6.22 -21.34 27.78
C GLN A 30 -7.61 -20.88 28.22
N GLN A 31 -7.66 -20.06 29.26
CA GLN A 31 -8.92 -19.53 29.78
C GLN A 31 -9.35 -18.39 28.86
N SER A 32 -10.30 -17.57 29.31
CA SER A 32 -10.75 -16.45 28.50
C SER A 32 -9.96 -15.19 28.80
N PHE A 33 -10.22 -14.15 28.02
CA PHE A 33 -9.56 -12.87 28.18
C PHE A 33 -10.63 -11.82 27.98
N ASP A 34 -10.36 -10.60 28.44
CA ASP A 34 -11.32 -9.52 28.27
C ASP A 34 -11.44 -9.27 26.76
N LEU A 35 -10.29 -9.33 26.07
CA LEU A 35 -10.25 -9.11 24.62
C LEU A 35 -9.37 -10.10 23.88
N LEU A 36 -9.89 -10.59 22.75
CA LEU A 36 -9.15 -11.53 21.92
C LEU A 36 -9.07 -10.95 20.51
N VAL A 37 -7.85 -10.90 19.98
CA VAL A 37 -7.61 -10.37 18.65
C VAL A 37 -7.03 -11.41 17.70
N ILE A 38 -7.74 -11.64 16.60
CA ILE A 38 -7.31 -12.60 15.60
C ILE A 38 -6.53 -11.85 14.53
N GLY A 39 -5.22 -12.09 14.47
CA GLY A 39 -4.37 -11.42 13.50
C GLY A 39 -3.46 -10.43 14.19
N GLY A 40 -2.18 -10.74 14.28
CA GLY A 40 -1.23 -9.86 14.94
C GLY A 40 -0.49 -8.99 13.93
N GLY A 41 -1.21 -8.05 13.33
CA GLY A 41 -0.62 -7.17 12.35
C GLY A 41 -0.95 -5.72 12.67
N SER A 42 -0.75 -4.84 11.68
CA SER A 42 -0.99 -3.42 11.87
C SER A 42 -2.17 -3.07 12.75
N GLY A 43 -3.35 -3.49 12.33
CA GLY A 43 -4.56 -3.18 13.09
C GLY A 43 -4.70 -3.91 14.42
N GLY A 44 -4.56 -5.22 14.38
CA GLY A 44 -4.68 -6.02 15.59
C GLY A 44 -3.72 -5.68 16.72
N LEU A 45 -2.43 -5.61 16.41
CA LEU A 45 -1.43 -5.30 17.43
C LEU A 45 -1.71 -3.97 18.11
N ALA A 46 -2.24 -3.01 17.36
CA ALA A 46 -2.52 -1.71 17.93
C ALA A 46 -3.70 -1.82 18.88
N CYS A 47 -4.70 -2.58 18.47
CA CYS A 47 -5.88 -2.75 19.31
C CYS A 47 -5.48 -3.43 20.62
N ALA A 48 -4.71 -4.51 20.51
CA ALA A 48 -4.27 -5.26 21.68
C ALA A 48 -3.43 -4.41 22.65
N LYS A 49 -2.35 -3.82 22.14
CA LYS A 49 -1.48 -3.00 22.97
C LYS A 49 -2.24 -1.92 23.74
N GLU A 50 -3.23 -1.30 23.09
CA GLU A 50 -4.01 -0.25 23.72
C GLU A 50 -4.90 -0.87 24.79
N ALA A 51 -5.60 -1.94 24.42
CA ALA A 51 -6.48 -2.61 25.37
C ALA A 51 -5.66 -3.10 26.56
N ALA A 52 -4.49 -3.65 26.26
CA ALA A 52 -3.58 -4.14 27.30
C ALA A 52 -3.11 -2.98 28.18
N GLN A 53 -2.97 -1.81 27.58
CA GLN A 53 -2.54 -0.62 28.31
C GLN A 53 -3.70 -0.06 29.14
N LEU A 54 -4.92 -0.49 28.81
CA LEU A 54 -6.10 -0.05 29.55
C LEU A 54 -6.42 -1.05 30.67
N GLY A 55 -5.40 -1.80 31.07
CA GLY A 55 -5.56 -2.77 32.15
C GLY A 55 -6.45 -3.95 31.88
N LYS A 56 -6.62 -4.32 30.60
CA LYS A 56 -7.47 -5.46 30.26
C LYS A 56 -6.60 -6.63 29.86
N LYS A 57 -7.09 -7.84 30.11
CA LYS A 57 -6.33 -9.02 29.75
C LYS A 57 -6.58 -9.36 28.30
N VAL A 58 -5.57 -9.11 27.48
CA VAL A 58 -5.69 -9.34 26.07
C VAL A 58 -4.89 -10.54 25.55
N ALA A 59 -5.36 -11.08 24.45
CA ALA A 59 -4.70 -12.21 23.81
C ALA A 59 -4.79 -12.02 22.30
N VAL A 60 -3.73 -12.44 21.61
CA VAL A 60 -3.71 -12.31 20.17
C VAL A 60 -3.14 -13.57 19.54
N ALA A 61 -3.78 -14.00 18.47
CA ALA A 61 -3.32 -15.17 17.74
C ALA A 61 -2.97 -14.71 16.33
N ASP A 62 -1.77 -15.05 15.87
CA ASP A 62 -1.33 -14.65 14.55
C ASP A 62 -0.60 -15.81 13.90
N TYR A 63 -1.05 -16.26 12.73
CA TYR A 63 -0.37 -17.35 12.04
C TYR A 63 -0.12 -16.94 10.58
N VAL A 64 1.11 -17.12 10.12
CA VAL A 64 1.45 -16.74 8.76
C VAL A 64 1.47 -17.92 7.80
N GLU A 65 0.28 -18.27 7.30
CA GLU A 65 0.17 -19.35 6.34
C GLU A 65 1.09 -18.94 5.20
N PRO A 66 2.15 -19.73 4.93
CA PRO A 66 3.11 -19.44 3.86
C PRO A 66 2.48 -19.13 2.49
N SER A 67 3.30 -18.64 1.57
CA SER A 67 2.82 -18.31 0.24
C SER A 67 2.97 -19.53 -0.68
N PRO A 68 2.24 -19.54 -1.82
CA PRO A 68 2.32 -20.66 -2.75
C PRO A 68 3.76 -21.07 -3.02
N ARG A 69 4.63 -20.07 -3.12
CA ARG A 69 6.03 -20.32 -3.38
C ARG A 69 6.76 -20.81 -2.12
N GLY A 70 6.09 -20.71 -0.97
CA GLY A 70 6.68 -21.15 0.27
C GLY A 70 7.40 -20.12 1.12
N THR A 71 6.96 -18.87 1.09
CA THR A 71 7.57 -17.82 1.89
C THR A 71 6.75 -17.64 3.15
N LYS A 72 7.41 -17.28 4.25
CA LYS A 72 6.73 -17.10 5.51
C LYS A 72 7.49 -16.09 6.35
N TRP A 73 6.86 -15.54 7.38
CA TRP A 73 7.53 -14.53 8.21
C TRP A 73 6.97 -14.39 9.63
N GLY A 74 7.57 -13.49 10.40
CA GLY A 74 7.18 -13.25 11.77
C GLY A 74 5.95 -12.39 12.07
N LEU A 75 5.86 -11.95 13.32
CA LEU A 75 4.75 -11.12 13.80
C LEU A 75 4.83 -9.73 13.22
N GLY A 76 3.67 -9.07 13.06
CA GLY A 76 3.67 -7.72 12.52
C GLY A 76 2.78 -7.45 11.32
N GLY A 77 2.23 -8.49 10.72
CA GLY A 77 1.37 -8.29 9.57
C GLY A 77 2.09 -8.00 8.27
N THR A 78 1.31 -7.72 7.24
CA THR A 78 1.83 -7.44 5.91
C THR A 78 2.79 -6.27 5.81
N CYS A 79 2.37 -5.12 6.35
CA CYS A 79 3.19 -3.93 6.29
C CYS A 79 4.62 -4.12 6.78
N VAL A 80 4.75 -4.77 7.92
CA VAL A 80 6.04 -5.03 8.53
C VAL A 80 6.87 -6.03 7.74
N ASN A 81 6.23 -7.10 7.30
CA ASN A 81 6.94 -8.15 6.62
C ASN A 81 6.97 -8.15 5.10
N VAL A 82 5.85 -7.82 4.48
CA VAL A 82 5.79 -7.86 3.03
C VAL A 82 5.05 -6.68 2.42
N GLY A 83 5.06 -5.55 3.12
CA GLY A 83 4.37 -4.36 2.63
C GLY A 83 5.15 -3.06 2.70
N CYS A 84 4.56 -2.06 3.36
CA CYS A 84 5.18 -0.74 3.48
C CYS A 84 6.69 -0.73 3.71
N ILE A 85 7.14 -1.36 4.79
CA ILE A 85 8.56 -1.33 5.13
C ILE A 85 9.52 -1.84 4.05
N PRO A 86 9.43 -3.12 3.70
CA PRO A 86 10.34 -3.64 2.66
C PRO A 86 10.25 -2.86 1.36
N LYS A 87 9.02 -2.53 0.97
CA LYS A 87 8.76 -1.79 -0.25
C LYS A 87 9.48 -0.45 -0.19
N LYS A 88 9.16 0.35 0.83
CA LYS A 88 9.79 1.66 0.98
C LYS A 88 11.32 1.62 1.01
N LEU A 89 11.89 0.61 1.67
CA LEU A 89 13.34 0.49 1.76
C LEU A 89 13.99 0.09 0.43
N MET A 90 13.32 -0.74 -0.35
CA MET A 90 13.88 -1.13 -1.63
C MET A 90 13.70 0.04 -2.60
N HIS A 91 12.65 0.81 -2.40
CA HIS A 91 12.43 2.00 -3.22
C HIS A 91 13.61 2.93 -2.90
N GLN A 92 13.91 3.06 -1.61
CA GLN A 92 15.02 3.90 -1.18
C GLN A 92 16.30 3.44 -1.85
N ALA A 93 16.41 2.14 -2.06
CA ALA A 93 17.59 1.60 -2.71
C ALA A 93 17.72 2.19 -4.11
N ALA A 94 16.70 1.97 -4.94
CA ALA A 94 16.69 2.48 -6.31
C ALA A 94 16.91 3.98 -6.35
N LEU A 95 16.29 4.69 -5.42
CA LEU A 95 16.46 6.13 -5.40
C LEU A 95 17.93 6.46 -5.25
N LEU A 96 18.62 5.80 -4.32
CA LEU A 96 20.04 6.06 -4.12
C LEU A 96 20.82 5.95 -5.41
N GLY A 97 20.36 5.07 -6.31
CA GLY A 97 21.05 4.90 -7.59
C GLY A 97 20.99 6.17 -8.41
N GLY A 98 19.86 6.85 -8.36
CA GLY A 98 19.73 8.09 -9.08
C GLY A 98 20.63 9.10 -8.40
N MET A 99 20.67 9.02 -7.07
CA MET A 99 21.48 9.92 -6.25
C MET A 99 22.97 9.86 -6.58
N ILE A 100 23.45 8.69 -6.98
CA ILE A 100 24.85 8.53 -7.34
C ILE A 100 25.21 9.20 -8.67
N ARG A 101 24.25 9.23 -9.59
CA ARG A 101 24.48 9.88 -10.87
C ARG A 101 24.56 11.37 -10.58
N ASP A 102 23.51 11.87 -9.93
CA ASP A 102 23.42 13.27 -9.58
C ASP A 102 24.68 13.69 -8.84
N ALA A 103 25.23 12.76 -8.06
CA ALA A 103 26.43 13.00 -7.28
C ALA A 103 27.58 13.59 -8.09
N HIS A 104 27.85 13.03 -9.26
CA HIS A 104 28.94 13.51 -10.08
C HIS A 104 28.73 14.95 -10.55
N HIS A 105 27.48 15.33 -10.78
CA HIS A 105 27.19 16.69 -11.24
C HIS A 105 27.55 17.75 -10.19
N TYR A 106 27.40 17.42 -8.91
CA TYR A 106 27.73 18.35 -7.83
C TYR A 106 29.20 18.29 -7.42
N GLY A 107 30.01 17.54 -8.16
CA GLY A 107 31.42 17.46 -7.89
C GLY A 107 31.95 16.21 -7.21
N TRP A 108 31.08 15.23 -7.00
CA TRP A 108 31.50 13.98 -6.37
C TRP A 108 32.05 13.04 -7.43
N GLU A 109 33.38 12.92 -7.46
CA GLU A 109 34.07 12.06 -8.42
C GLU A 109 33.92 10.58 -8.10
N VAL A 110 32.69 10.08 -8.27
CA VAL A 110 32.42 8.70 -8.01
C VAL A 110 32.56 7.92 -9.31
N ALA A 111 33.25 6.79 -9.25
CA ALA A 111 33.46 5.93 -10.42
C ALA A 111 32.11 5.42 -10.89
N GLN A 112 31.54 6.10 -11.89
CA GLN A 112 30.22 5.79 -12.45
C GLN A 112 29.84 4.33 -12.67
N PRO A 113 30.76 3.53 -13.22
CA PRO A 113 30.37 2.13 -13.41
C PRO A 113 30.19 1.45 -12.03
N VAL A 114 29.03 1.73 -11.41
CA VAL A 114 28.69 1.22 -10.08
C VAL A 114 27.58 0.16 -10.09
N GLN A 115 27.95 -1.08 -9.79
CA GLN A 115 27.00 -2.19 -9.75
C GLN A 115 26.19 -2.18 -8.46
N HIS A 116 25.11 -2.95 -8.45
CA HIS A 116 24.27 -3.08 -7.27
C HIS A 116 23.95 -4.57 -7.09
N ASN A 117 24.15 -5.11 -5.91
CA ASN A 117 23.84 -6.53 -5.75
C ASN A 117 22.72 -6.78 -4.77
N TRP A 118 21.74 -7.53 -5.26
CA TRP A 118 20.52 -7.88 -4.55
C TRP A 118 20.70 -8.55 -3.19
N LYS A 119 21.77 -9.32 -3.05
CA LYS A 119 22.01 -10.03 -1.80
C LYS A 119 22.20 -9.08 -0.63
N THR A 120 23.09 -8.09 -0.78
CA THR A 120 23.34 -7.12 0.28
C THR A 120 22.05 -6.41 0.66
N MET A 121 21.39 -5.83 -0.34
CA MET A 121 20.15 -5.10 -0.11
C MET A 121 19.15 -5.95 0.66
N ALA A 122 18.82 -7.12 0.11
CA ALA A 122 17.87 -8.02 0.76
C ALA A 122 18.27 -8.30 2.18
N GLU A 123 19.54 -8.66 2.37
CA GLU A 123 20.06 -8.95 3.71
C GLU A 123 19.70 -7.78 4.65
N ALA A 124 20.09 -6.57 4.25
CA ALA A 124 19.83 -5.36 5.04
C ALA A 124 18.36 -5.11 5.33
N VAL A 125 17.54 -5.18 4.29
CA VAL A 125 16.11 -4.94 4.46
C VAL A 125 15.48 -5.99 5.37
N GLN A 126 15.78 -7.25 5.12
CA GLN A 126 15.25 -8.35 5.92
C GLN A 126 15.60 -8.26 7.40
N ASN A 127 16.85 -7.90 7.71
CA ASN A 127 17.28 -7.79 9.11
C ASN A 127 16.45 -6.74 9.83
N HIS A 128 16.14 -5.64 9.16
CA HIS A 128 15.35 -4.59 9.77
C HIS A 128 13.93 -5.11 10.01
N VAL A 129 13.41 -5.81 9.02
CA VAL A 129 12.08 -6.38 9.11
C VAL A 129 11.99 -7.22 10.39
N LYS A 130 13.06 -7.98 10.65
CA LYS A 130 13.11 -8.82 11.83
C LYS A 130 13.11 -8.00 13.14
N SER A 131 13.83 -6.87 13.14
CA SER A 131 13.88 -5.98 14.30
C SER A 131 12.45 -5.66 14.71
N LEU A 132 11.58 -5.53 13.70
CA LEU A 132 10.18 -5.21 13.96
C LEU A 132 9.44 -6.41 14.53
N ASN A 133 9.82 -7.61 14.10
CA ASN A 133 9.21 -8.82 14.62
C ASN A 133 9.47 -8.85 16.10
N TRP A 134 10.76 -8.85 16.45
CA TRP A 134 11.15 -8.90 17.84
C TRP A 134 10.69 -7.65 18.57
N GLY A 135 10.71 -6.53 17.87
CA GLY A 135 10.25 -5.29 18.47
C GLY A 135 8.82 -5.42 18.97
N HIS A 136 7.98 -6.14 18.22
CA HIS A 136 6.59 -6.31 18.60
C HIS A 136 6.44 -7.29 19.76
N ARG A 137 7.11 -8.43 19.66
CA ARG A 137 7.04 -9.43 20.71
C ARG A 137 7.43 -8.80 22.06
N VAL A 138 8.47 -7.97 22.05
CA VAL A 138 8.92 -7.29 23.28
C VAL A 138 7.84 -6.37 23.81
N GLN A 139 7.13 -5.72 22.89
CA GLN A 139 6.04 -4.81 23.26
C GLN A 139 4.86 -5.60 23.79
N LEU A 140 4.63 -6.79 23.21
CA LEU A 140 3.53 -7.63 23.68
C LEU A 140 3.88 -8.26 25.02
N GLN A 141 5.17 -8.53 25.23
CA GLN A 141 5.62 -9.12 26.49
C GLN A 141 5.51 -8.10 27.60
N ASP A 142 6.04 -6.90 27.36
CA ASP A 142 6.02 -5.82 28.34
C ASP A 142 4.64 -5.34 28.74
N ARG A 143 3.66 -5.48 27.85
CA ARG A 143 2.31 -5.06 28.18
C ARG A 143 1.53 -6.28 28.64
N LYS A 144 2.23 -7.42 28.63
CA LYS A 144 1.66 -8.70 29.05
C LYS A 144 0.43 -9.07 28.22
N VAL A 145 0.67 -9.65 27.05
CA VAL A 145 -0.39 -10.09 26.15
C VAL A 145 -0.01 -11.48 25.70
N LYS A 146 -0.80 -12.48 26.10
CA LYS A 146 -0.49 -13.84 25.72
C LYS A 146 -0.53 -13.96 24.20
N TYR A 147 0.57 -14.42 23.64
CA TYR A 147 0.70 -14.58 22.20
C TYR A 147 0.58 -16.03 21.75
N PHE A 148 -0.48 -16.34 21.00
CA PHE A 148 -0.67 -17.70 20.51
C PHE A 148 -0.49 -17.78 19.00
N ASN A 149 0.69 -18.21 18.56
CA ASN A 149 1.01 -18.34 17.13
C ASN A 149 0.15 -19.50 16.62
N ILE A 150 -1.15 -19.25 16.57
CA ILE A 150 -2.15 -20.23 16.17
C ILE A 150 -3.11 -19.62 15.14
N LYS A 151 -3.38 -20.35 14.05
CA LYS A 151 -4.32 -19.84 13.04
C LYS A 151 -5.74 -20.15 13.46
N ALA A 152 -6.47 -19.12 13.85
CA ALA A 152 -7.83 -19.27 14.34
C ALA A 152 -8.89 -19.63 13.33
N SER A 153 -10.08 -19.90 13.87
CA SER A 153 -11.27 -20.28 13.13
C SER A 153 -12.37 -20.40 14.19
N PHE A 154 -13.53 -19.82 13.92
CA PHE A 154 -14.63 -19.85 14.87
C PHE A 154 -15.24 -21.25 15.05
N VAL A 155 -15.80 -21.47 16.24
CA VAL A 155 -16.48 -22.71 16.57
C VAL A 155 -17.88 -22.30 17.00
N ASP A 156 -17.94 -21.21 17.75
CA ASP A 156 -19.20 -20.67 18.23
C ASP A 156 -19.09 -19.15 18.22
N GLU A 157 -19.95 -18.47 18.97
CA GLU A 157 -19.96 -17.02 19.00
C GLU A 157 -19.02 -16.34 20.00
N HIS A 158 -18.43 -17.12 20.91
CA HIS A 158 -17.52 -16.55 21.90
C HIS A 158 -16.22 -17.35 22.00
N THR A 159 -16.04 -18.31 21.12
CA THR A 159 -14.84 -19.15 21.16
C THR A 159 -14.27 -19.42 19.77
N VAL A 160 -12.96 -19.67 19.75
CA VAL A 160 -12.24 -19.95 18.52
C VAL A 160 -11.39 -21.18 18.74
N ARG A 161 -10.95 -21.82 17.67
CA ARG A 161 -10.10 -23.00 17.78
C ARG A 161 -8.88 -22.79 16.89
N GLY A 162 -7.72 -23.21 17.36
CA GLY A 162 -6.53 -23.01 16.55
C GLY A 162 -5.50 -24.11 16.51
N VAL A 163 -4.71 -24.08 15.44
CA VAL A 163 -3.64 -25.04 15.19
C VAL A 163 -2.31 -24.31 15.31
N ASP A 164 -1.21 -25.07 15.36
CA ASP A 164 0.12 -24.45 15.46
C ASP A 164 1.17 -25.13 14.59
N LYS A 165 2.42 -24.71 14.76
CA LYS A 165 3.56 -25.27 14.01
C LYS A 165 3.45 -26.79 13.92
N GLY A 166 3.28 -27.43 15.08
CA GLY A 166 3.16 -28.87 15.15
C GLY A 166 1.71 -29.30 15.07
N GLY A 167 0.83 -28.31 14.87
CA GLY A 167 -0.58 -28.60 14.76
C GLY A 167 -1.21 -29.31 15.93
N LYS A 168 -1.80 -28.54 16.85
CA LYS A 168 -2.48 -29.08 18.02
C LYS A 168 -3.46 -28.04 18.54
N ALA A 169 -4.72 -28.44 18.65
CA ALA A 169 -5.78 -27.55 19.09
C ALA A 169 -5.48 -26.85 20.41
N THR A 170 -6.31 -25.86 20.74
CA THR A 170 -6.18 -25.08 21.97
C THR A 170 -7.39 -24.16 22.14
N LEU A 171 -8.20 -24.42 23.18
CA LEU A 171 -9.41 -23.65 23.45
C LEU A 171 -9.14 -22.19 23.81
N LEU A 172 -9.80 -21.28 23.09
CA LEU A 172 -9.65 -19.84 23.35
C LEU A 172 -10.97 -19.11 23.21
N SER A 173 -11.32 -18.30 24.21
CA SER A 173 -12.55 -17.54 24.19
C SER A 173 -12.33 -16.17 24.83
N ALA A 174 -13.32 -15.31 24.72
CA ALA A 174 -13.24 -13.97 25.29
C ALA A 174 -14.56 -13.27 25.06
N GLU A 175 -14.84 -12.23 25.85
CA GLU A 175 -16.10 -11.53 25.69
C GLU A 175 -16.16 -10.80 24.38
N HIS A 176 -15.11 -10.03 24.07
CA HIS A 176 -15.05 -9.28 22.82
C HIS A 176 -14.00 -9.91 21.92
N ILE A 177 -14.30 -9.92 20.62
CA ILE A 177 -13.37 -10.47 19.64
C ILE A 177 -13.18 -9.45 18.54
N VAL A 178 -11.94 -9.31 18.07
CA VAL A 178 -11.62 -8.38 16.98
C VAL A 178 -10.89 -9.10 15.87
N ILE A 179 -11.48 -9.04 14.67
CA ILE A 179 -10.90 -9.71 13.52
C ILE A 179 -10.05 -8.70 12.72
N ALA A 180 -8.74 -8.94 12.71
CA ALA A 180 -7.80 -8.09 12.01
C ALA A 180 -6.89 -8.98 11.17
N THR A 181 -7.49 -9.88 10.40
CA THR A 181 -6.73 -10.83 9.59
C THR A 181 -6.25 -10.32 8.24
N GLY A 182 -6.48 -9.04 7.92
CA GLY A 182 -6.05 -8.50 6.64
C GLY A 182 -6.36 -9.38 5.44
N GLY A 183 -5.54 -9.30 4.39
CA GLY A 183 -5.76 -10.12 3.21
C GLY A 183 -4.47 -10.77 2.73
N ARG A 184 -4.42 -11.12 1.44
CA ARG A 184 -3.23 -11.74 0.86
C ARG A 184 -3.30 -11.57 -0.66
N PRO A 185 -2.15 -11.63 -1.36
CA PRO A 185 -2.13 -11.50 -2.82
C PRO A 185 -3.21 -12.37 -3.48
N ARG A 186 -3.43 -12.18 -4.78
CA ARG A 186 -4.41 -12.99 -5.49
C ARG A 186 -3.82 -13.55 -6.76
N TYR A 187 -3.96 -14.85 -6.96
CA TYR A 187 -3.44 -15.47 -8.17
C TYR A 187 -4.48 -15.42 -9.27
N PRO A 188 -4.05 -15.48 -10.53
CA PRO A 188 -5.03 -15.42 -11.61
C PRO A 188 -5.75 -16.76 -11.73
N THR A 189 -7.02 -16.69 -12.12
CA THR A 189 -7.80 -17.90 -12.31
C THR A 189 -7.56 -18.30 -13.77
N GLN A 190 -7.55 -19.60 -14.03
CA GLN A 190 -7.36 -20.13 -15.38
C GLN A 190 -6.08 -19.73 -16.13
N VAL A 191 -4.95 -19.67 -15.42
CA VAL A 191 -3.69 -19.35 -16.07
C VAL A 191 -2.71 -20.43 -15.67
N LYS A 192 -2.48 -21.40 -16.54
CA LYS A 192 -1.55 -22.48 -16.21
C LYS A 192 -0.16 -21.89 -16.06
N GLY A 193 0.59 -22.41 -15.09
CA GLY A 193 1.92 -21.92 -14.84
C GLY A 193 1.86 -20.88 -13.73
N ALA A 194 0.67 -20.32 -13.53
CA ALA A 194 0.44 -19.29 -12.53
C ALA A 194 1.07 -19.60 -11.17
N LEU A 195 0.49 -20.54 -10.44
CA LEU A 195 1.00 -20.90 -9.13
C LEU A 195 2.34 -21.62 -9.19
N GLU A 196 2.41 -22.61 -10.06
CA GLU A 196 3.61 -23.40 -10.20
C GLU A 196 4.91 -22.62 -10.37
N TYR A 197 4.85 -21.44 -11.00
CA TYR A 197 6.06 -20.67 -11.24
C TYR A 197 6.04 -19.22 -10.77
N GLY A 198 4.87 -18.61 -10.73
CA GLY A 198 4.82 -17.22 -10.32
C GLY A 198 5.12 -16.94 -8.87
N ILE A 199 5.33 -15.66 -8.56
CA ILE A 199 5.59 -15.21 -7.19
C ILE A 199 4.73 -13.97 -6.98
N THR A 200 4.65 -13.51 -5.74
CA THR A 200 3.83 -12.37 -5.38
C THR A 200 4.58 -11.35 -4.55
N SER A 201 3.89 -10.29 -4.13
CA SER A 201 4.51 -9.26 -3.31
C SER A 201 5.08 -9.90 -2.06
N ASP A 202 4.48 -11.02 -1.65
CA ASP A 202 4.91 -11.77 -0.47
C ASP A 202 6.29 -12.40 -0.65
N ASP A 203 6.56 -12.90 -1.84
CA ASP A 203 7.81 -13.57 -2.13
C ASP A 203 8.97 -12.66 -2.51
N ILE A 204 8.66 -11.54 -3.16
CA ILE A 204 9.74 -10.69 -3.64
C ILE A 204 10.62 -10.08 -2.57
N PHE A 205 10.03 -9.61 -1.49
CA PHE A 205 10.87 -9.01 -0.48
C PHE A 205 11.74 -10.03 0.24
N TRP A 206 11.58 -11.31 -0.07
CA TRP A 206 12.39 -12.35 0.59
C TRP A 206 13.26 -13.22 -0.31
N LEU A 207 13.21 -12.98 -1.61
CA LEU A 207 14.00 -13.76 -2.55
C LEU A 207 15.47 -13.85 -2.11
N LYS A 208 16.02 -15.05 -2.20
CA LYS A 208 17.40 -15.28 -1.81
C LYS A 208 18.35 -14.75 -2.88
N GLU A 209 17.96 -14.87 -4.15
CA GLU A 209 18.79 -14.39 -5.26
C GLU A 209 18.05 -13.42 -6.17
N SER A 210 18.80 -12.49 -6.74
CA SER A 210 18.24 -11.49 -7.65
C SER A 210 17.14 -12.07 -8.52
N PRO A 211 16.07 -11.30 -8.77
CA PRO A 211 14.94 -11.76 -9.60
C PRO A 211 15.33 -11.82 -11.07
N GLY A 212 16.49 -11.26 -11.39
CA GLY A 212 16.92 -11.26 -12.78
C GLY A 212 15.89 -10.51 -13.59
N LYS A 213 15.67 -10.93 -14.84
CA LYS A 213 14.69 -10.25 -15.68
C LYS A 213 13.29 -10.54 -15.15
N THR A 214 12.54 -9.48 -14.88
CA THR A 214 11.21 -9.66 -14.31
C THR A 214 10.04 -9.08 -15.08
N LEU A 215 8.89 -9.73 -14.94
CA LEU A 215 7.67 -9.27 -15.57
C LEU A 215 6.67 -9.06 -14.46
N VAL A 216 6.18 -7.85 -14.32
CA VAL A 216 5.19 -7.55 -13.29
C VAL A 216 3.84 -7.49 -13.98
N VAL A 217 2.90 -8.30 -13.50
CA VAL A 217 1.56 -8.33 -14.07
C VAL A 217 0.63 -7.60 -13.13
N GLY A 218 0.20 -6.40 -13.52
CA GLY A 218 -0.70 -5.63 -12.68
C GLY A 218 -0.67 -4.13 -12.90
N ALA A 219 -1.66 -3.42 -12.37
CA ALA A 219 -1.74 -1.96 -12.53
C ALA A 219 -2.05 -1.26 -11.18
N SER A 220 -2.03 -2.03 -10.10
CA SER A 220 -2.27 -1.48 -8.77
C SER A 220 -0.97 -0.76 -8.38
N TYR A 221 -0.99 -0.06 -7.25
CA TYR A 221 0.21 0.65 -6.83
C TYR A 221 1.30 -0.36 -6.45
N VAL A 222 0.86 -1.50 -5.93
CA VAL A 222 1.81 -2.55 -5.56
C VAL A 222 2.62 -2.92 -6.80
N ALA A 223 1.93 -3.08 -7.93
CA ALA A 223 2.55 -3.44 -9.19
C ALA A 223 3.56 -2.38 -9.63
N LEU A 224 3.11 -1.13 -9.71
CA LEU A 224 3.98 -0.05 -10.15
C LEU A 224 5.20 0.18 -9.27
N GLU A 225 4.99 0.21 -7.95
CA GLU A 225 6.09 0.42 -7.02
C GLU A 225 7.20 -0.62 -7.15
N CYS A 226 6.81 -1.89 -7.28
CA CYS A 226 7.77 -2.97 -7.41
C CYS A 226 8.57 -2.95 -8.73
N ALA A 227 7.88 -2.75 -9.85
CA ALA A 227 8.59 -2.73 -11.11
C ALA A 227 9.50 -1.53 -11.10
N GLY A 228 9.08 -0.54 -10.32
CA GLY A 228 9.82 0.71 -10.20
C GLY A 228 11.18 0.59 -9.54
N PHE A 229 11.21 0.05 -8.32
CA PHE A 229 12.50 -0.08 -7.66
C PHE A 229 13.31 -1.19 -8.34
N LEU A 230 12.60 -2.16 -8.94
CA LEU A 230 13.31 -3.23 -9.66
C LEU A 230 14.07 -2.59 -10.82
N THR A 231 13.43 -1.66 -11.51
CA THR A 231 14.08 -0.98 -12.61
C THR A 231 15.22 -0.16 -12.03
N GLY A 232 14.92 0.46 -10.89
CA GLY A 232 15.90 1.29 -10.20
C GLY A 232 17.20 0.60 -9.87
N ILE A 233 17.12 -0.67 -9.48
CA ILE A 233 18.34 -1.40 -9.15
C ILE A 233 18.99 -2.11 -10.34
N GLY A 234 18.58 -1.72 -11.55
CA GLY A 234 19.19 -2.27 -12.76
C GLY A 234 18.59 -3.49 -13.43
N LEU A 235 17.50 -4.02 -12.89
CA LEU A 235 16.89 -5.20 -13.48
C LEU A 235 16.07 -4.82 -14.71
N ASP A 236 15.97 -5.74 -15.67
CA ASP A 236 15.17 -5.54 -16.87
C ASP A 236 13.78 -5.81 -16.35
N THR A 237 12.94 -4.78 -16.30
CA THR A 237 11.60 -4.96 -15.77
C THR A 237 10.50 -4.55 -16.76
N THR A 238 9.38 -5.25 -16.72
CA THR A 238 8.30 -4.96 -17.62
C THR A 238 6.99 -5.07 -16.87
N VAL A 239 6.11 -4.09 -17.10
CA VAL A 239 4.80 -4.10 -16.48
C VAL A 239 3.77 -4.47 -17.55
N MET A 240 2.91 -5.44 -17.23
CA MET A 240 1.88 -5.85 -18.17
C MET A 240 0.55 -5.37 -17.64
N MET A 241 -0.10 -4.47 -18.37
CA MET A 241 -1.39 -3.93 -17.92
C MET A 241 -2.53 -4.29 -18.85
N ARG A 242 -3.62 -4.79 -18.27
CA ARG A 242 -4.80 -5.14 -19.04
C ARG A 242 -5.41 -3.84 -19.56
N SER A 243 -5.64 -2.87 -18.67
CA SER A 243 -6.24 -1.62 -19.12
C SER A 243 -5.58 -0.35 -18.58
N ILE A 244 -6.30 0.40 -17.75
CA ILE A 244 -5.80 1.66 -17.17
C ILE A 244 -4.90 1.48 -15.96
N PRO A 245 -4.11 2.51 -15.63
CA PRO A 245 -3.21 2.43 -14.47
C PRO A 245 -3.84 2.97 -13.19
N LEU A 246 -3.47 2.38 -12.06
CA LEU A 246 -3.95 2.82 -10.76
C LEU A 246 -5.44 3.13 -10.71
N ARG A 247 -6.28 2.23 -11.19
CA ARG A 247 -7.72 2.46 -11.15
C ARG A 247 -8.07 2.95 -9.73
N GLY A 248 -8.87 4.01 -9.62
CA GLY A 248 -9.25 4.54 -8.33
C GLY A 248 -8.63 5.89 -8.03
N PHE A 249 -7.37 6.07 -8.45
CA PHE A 249 -6.64 7.32 -8.26
C PHE A 249 -6.96 8.29 -9.37
N ASP A 250 -6.64 9.58 -9.17
CA ASP A 250 -6.87 10.59 -10.20
C ASP A 250 -6.13 10.09 -11.44
N GLN A 251 -6.87 9.87 -12.51
CA GLN A 251 -6.31 9.36 -13.74
C GLN A 251 -5.24 10.18 -14.42
N GLN A 252 -5.37 11.50 -14.39
CA GLN A 252 -4.35 12.30 -15.03
C GLN A 252 -3.01 12.06 -14.31
N MET A 253 -3.03 12.04 -12.99
CA MET A 253 -1.81 11.83 -12.23
C MET A 253 -1.25 10.43 -12.49
N SER A 254 -2.11 9.42 -12.43
CA SER A 254 -1.67 8.05 -12.67
C SER A 254 -1.03 7.98 -14.05
N SER A 255 -1.63 8.66 -15.01
CA SER A 255 -1.11 8.68 -16.36
C SER A 255 0.31 9.21 -16.32
N LEU A 256 0.47 10.35 -15.65
CA LEU A 256 1.79 10.97 -15.53
C LEU A 256 2.81 10.06 -14.87
N VAL A 257 2.35 9.26 -13.89
CA VAL A 257 3.24 8.35 -13.19
C VAL A 257 3.81 7.32 -14.17
N THR A 258 2.94 6.51 -14.79
CA THR A 258 3.43 5.52 -15.73
C THR A 258 4.29 6.15 -16.83
N GLU A 259 3.90 7.33 -17.30
CA GLU A 259 4.67 7.97 -18.36
C GLU A 259 6.11 8.23 -17.89
N HIS A 260 6.25 8.60 -16.62
CA HIS A 260 7.56 8.86 -16.06
C HIS A 260 8.36 7.57 -16.04
N MET A 261 7.70 6.50 -15.61
CA MET A 261 8.33 5.18 -15.52
C MET A 261 8.90 4.68 -16.84
N GLU A 262 8.08 4.66 -17.89
CA GLU A 262 8.54 4.16 -19.18
C GLU A 262 9.59 5.08 -19.80
N SER A 263 9.55 6.34 -19.41
CA SER A 263 10.55 7.30 -19.89
C SER A 263 11.86 7.07 -19.15
N HIS A 264 11.81 6.26 -18.09
CA HIS A 264 13.02 6.02 -17.32
C HIS A 264 13.37 4.57 -17.04
N GLY A 265 13.23 3.72 -18.05
CA GLY A 265 13.62 2.32 -17.88
C GLY A 265 12.61 1.20 -17.77
N THR A 266 11.42 1.47 -17.29
CA THR A 266 10.45 0.39 -17.17
C THR A 266 9.79 0.18 -18.50
N GLN A 267 9.74 -1.07 -18.94
CA GLN A 267 9.12 -1.43 -20.20
C GLN A 267 7.65 -1.70 -19.91
N PHE A 268 6.78 -1.34 -20.84
CA PHE A 268 5.35 -1.52 -20.66
C PHE A 268 4.68 -2.33 -21.76
N LEU A 269 3.73 -3.18 -21.36
CA LEU A 269 2.96 -4.02 -22.29
C LEU A 269 1.51 -3.64 -22.06
N LYS A 270 1.09 -2.55 -22.69
CA LYS A 270 -0.25 -2.05 -22.54
C LYS A 270 -1.32 -2.89 -23.22
N GLY A 271 -2.43 -3.10 -22.53
CA GLY A 271 -3.54 -3.88 -23.05
C GLY A 271 -3.29 -5.37 -23.17
N CYS A 272 -2.47 -5.93 -22.29
CA CYS A 272 -2.17 -7.35 -22.37
C CYS A 272 -2.57 -8.19 -21.15
N VAL A 273 -2.87 -9.45 -21.43
CA VAL A 273 -3.28 -10.40 -20.41
C VAL A 273 -2.49 -11.70 -20.60
N PRO A 274 -2.11 -12.36 -19.50
CA PRO A 274 -1.35 -13.60 -19.59
C PRO A 274 -2.30 -14.76 -19.84
N SER A 275 -1.82 -15.79 -20.53
CA SER A 275 -2.65 -16.96 -20.80
C SER A 275 -2.01 -18.23 -20.28
N HIS A 276 -0.67 -18.28 -20.27
CA HIS A 276 0.01 -19.45 -19.76
C HIS A 276 1.50 -19.24 -19.64
N ILE A 277 2.11 -20.00 -18.72
CA ILE A 277 3.54 -19.93 -18.50
C ILE A 277 4.11 -21.34 -18.61
N LYS A 278 5.20 -21.47 -19.35
CA LYS A 278 5.86 -22.76 -19.53
C LYS A 278 7.30 -22.60 -19.08
N LYS A 279 7.77 -23.50 -18.23
CA LYS A 279 9.14 -23.40 -17.78
C LYS A 279 10.03 -24.12 -18.79
N LEU A 280 11.13 -23.50 -19.17
CA LEU A 280 12.05 -24.07 -20.14
C LEU A 280 13.09 -24.94 -19.42
N PRO A 281 13.70 -25.91 -20.15
CA PRO A 281 14.71 -26.80 -19.57
C PRO A 281 15.85 -26.00 -18.97
N THR A 282 15.79 -24.69 -19.18
CA THR A 282 16.79 -23.76 -18.70
C THR A 282 16.28 -23.10 -17.42
N ASN A 283 15.05 -23.44 -17.06
CA ASN A 283 14.37 -22.92 -15.86
C ASN A 283 13.78 -21.53 -16.03
N GLN A 284 13.94 -20.95 -17.20
CA GLN A 284 13.39 -19.63 -17.46
C GLN A 284 11.90 -19.80 -17.60
N LEU A 285 11.17 -18.70 -17.67
CA LEU A 285 9.73 -18.77 -17.81
C LEU A 285 9.26 -18.35 -19.19
N GLN A 286 8.36 -19.14 -19.76
CA GLN A 286 7.83 -18.86 -21.08
C GLN A 286 6.45 -18.25 -20.92
N VAL A 287 6.40 -16.93 -20.91
CA VAL A 287 5.14 -16.24 -20.75
C VAL A 287 4.49 -15.96 -22.10
N THR A 288 3.29 -16.49 -22.27
CA THR A 288 2.53 -16.31 -23.51
C THR A 288 1.37 -15.41 -23.14
N TRP A 289 1.00 -14.50 -24.04
CA TRP A 289 -0.08 -13.60 -23.71
C TRP A 289 -0.84 -13.03 -24.90
N GLU A 290 -2.03 -12.50 -24.59
CA GLU A 290 -2.89 -11.89 -25.58
C GLU A 290 -2.65 -10.38 -25.53
N ASP A 291 -2.37 -9.77 -26.68
CA ASP A 291 -2.16 -8.33 -26.74
C ASP A 291 -3.34 -7.65 -27.44
N HIS A 292 -4.32 -7.22 -26.64
CA HIS A 292 -5.53 -6.57 -27.12
C HIS A 292 -5.35 -5.15 -27.66
N ALA A 293 -4.12 -4.76 -27.94
CA ALA A 293 -3.89 -3.39 -28.44
C ALA A 293 -3.04 -3.37 -29.70
N SER A 294 -2.65 -4.54 -30.19
CA SER A 294 -1.86 -4.66 -31.41
C SER A 294 -2.22 -5.98 -32.08
N GLY A 295 -1.29 -6.92 -32.09
CA GLY A 295 -1.56 -8.22 -32.71
C GLY A 295 -2.66 -8.91 -31.93
N LYS A 296 -2.40 -10.14 -31.47
CA LYS A 296 -3.39 -10.86 -30.69
C LYS A 296 -2.82 -11.94 -29.79
N GLU A 297 -1.50 -12.12 -29.81
CA GLU A 297 -0.87 -13.10 -28.95
C GLU A 297 0.63 -13.13 -29.15
N ASP A 298 1.36 -12.64 -28.15
CA ASP A 298 2.82 -12.62 -28.21
C ASP A 298 3.38 -13.45 -27.05
N THR A 299 4.69 -13.64 -27.04
CA THR A 299 5.35 -14.41 -26.00
C THR A 299 6.69 -13.79 -25.59
N GLY A 300 7.07 -13.98 -24.33
CA GLY A 300 8.32 -13.45 -23.83
C GLY A 300 9.01 -14.38 -22.87
N THR A 301 10.27 -14.12 -22.58
CA THR A 301 11.03 -14.96 -21.68
C THR A 301 11.62 -14.15 -20.51
N PHE A 302 11.21 -14.49 -19.29
CA PHE A 302 11.67 -13.78 -18.10
C PHE A 302 12.12 -14.73 -16.99
N ASP A 303 12.93 -14.21 -16.09
CA ASP A 303 13.44 -14.99 -14.96
C ASP A 303 12.43 -15.04 -13.82
N THR A 304 11.68 -13.96 -13.66
CA THR A 304 10.68 -13.90 -12.61
C THR A 304 9.39 -13.31 -13.14
N VAL A 305 8.26 -13.78 -12.62
CA VAL A 305 6.97 -13.26 -12.98
C VAL A 305 6.23 -13.02 -11.68
N LEU A 306 5.92 -11.75 -11.43
CA LEU A 306 5.24 -11.33 -10.22
C LEU A 306 3.81 -10.89 -10.49
N TRP A 307 2.86 -11.49 -9.77
CA TRP A 307 1.45 -11.19 -9.91
C TRP A 307 1.00 -10.15 -8.90
N ALA A 308 0.81 -8.91 -9.35
CA ALA A 308 0.32 -7.87 -8.47
C ALA A 308 -1.04 -7.48 -9.04
N ILE A 309 -2.05 -8.30 -8.75
CA ILE A 309 -3.39 -8.06 -9.28
C ILE A 309 -4.48 -7.95 -8.22
N GLY A 310 -4.16 -7.28 -7.12
CA GLY A 310 -5.14 -7.13 -6.06
C GLY A 310 -5.00 -8.20 -5.02
N ARG A 311 -5.53 -7.93 -3.84
CA ARG A 311 -5.47 -8.84 -2.73
C ARG A 311 -6.86 -9.41 -2.45
N VAL A 312 -6.95 -10.36 -1.53
CA VAL A 312 -8.22 -10.99 -1.16
C VAL A 312 -8.29 -11.05 0.36
N PRO A 313 -9.44 -10.65 0.94
CA PRO A 313 -9.53 -10.71 2.39
C PRO A 313 -9.45 -12.14 2.90
N GLU A 314 -8.78 -12.32 4.04
CA GLU A 314 -8.63 -13.63 4.66
C GLU A 314 -9.82 -13.95 5.56
N THR A 315 -10.87 -14.54 5.01
CA THR A 315 -12.05 -14.89 5.80
C THR A 315 -12.37 -16.36 5.61
N ARG A 316 -11.85 -16.92 4.52
CA ARG A 316 -12.02 -18.32 4.14
C ARG A 316 -11.97 -19.21 5.38
N THR A 317 -10.78 -19.30 5.96
CA THR A 317 -10.52 -20.12 7.13
C THR A 317 -11.23 -19.79 8.43
N LEU A 318 -11.83 -18.61 8.52
CA LEU A 318 -12.48 -18.21 9.76
C LEU A 318 -13.76 -18.93 10.17
N ASN A 319 -14.50 -19.45 9.19
CA ASN A 319 -15.77 -20.12 9.49
C ASN A 319 -16.67 -19.04 10.09
N LEU A 320 -16.65 -17.86 9.47
CA LEU A 320 -17.46 -16.74 9.94
C LEU A 320 -18.93 -17.14 10.05
N GLU A 321 -19.29 -18.18 9.31
CA GLU A 321 -20.66 -18.70 9.31
C GLU A 321 -20.95 -19.35 10.65
N LYS A 322 -19.96 -20.07 11.19
CA LYS A 322 -20.11 -20.76 12.47
C LYS A 322 -20.23 -19.78 13.63
N ALA A 323 -20.13 -18.49 13.35
CA ALA A 323 -20.26 -17.46 14.38
C ALA A 323 -21.35 -16.45 14.05
N GLY A 324 -21.90 -16.57 12.84
CA GLY A 324 -22.96 -15.67 12.40
C GLY A 324 -22.50 -14.26 12.11
N ILE A 325 -21.47 -14.14 11.28
CA ILE A 325 -20.92 -12.83 10.92
C ILE A 325 -21.07 -12.60 9.41
N SER A 326 -22.10 -11.85 9.04
CA SER A 326 -22.36 -11.59 7.63
C SER A 326 -21.23 -10.85 6.94
N THR A 327 -21.05 -11.15 5.66
CA THR A 327 -20.01 -10.56 4.83
C THR A 327 -20.58 -10.23 3.46
N ASN A 328 -20.11 -9.15 2.84
CA ASN A 328 -20.60 -8.79 1.52
C ASN A 328 -20.05 -9.78 0.49
N PRO A 329 -20.94 -10.32 -0.37
CA PRO A 329 -20.63 -11.29 -1.43
C PRO A 329 -19.46 -10.98 -2.38
N LYS A 330 -19.55 -9.88 -3.13
CA LYS A 330 -18.50 -9.51 -4.07
C LYS A 330 -17.12 -9.57 -3.41
N ASN A 331 -16.80 -8.56 -2.60
CA ASN A 331 -15.53 -8.50 -1.87
C ASN A 331 -15.77 -9.26 -0.57
N GLN A 332 -15.17 -10.44 -0.44
CA GLN A 332 -15.36 -11.23 0.78
C GLN A 332 -14.82 -10.57 2.04
N LYS A 333 -15.24 -9.32 2.26
CA LYS A 333 -14.84 -8.54 3.43
C LYS A 333 -15.87 -8.79 4.53
N ILE A 334 -15.75 -8.06 5.63
CA ILE A 334 -16.69 -8.19 6.74
C ILE A 334 -17.51 -6.92 6.82
N ILE A 335 -18.83 -7.05 6.67
CA ILE A 335 -19.72 -5.90 6.74
C ILE A 335 -19.56 -5.30 8.15
N VAL A 336 -19.42 -3.99 8.25
CA VAL A 336 -19.28 -3.37 9.57
C VAL A 336 -20.00 -2.07 9.86
N ASP A 337 -20.18 -1.84 11.15
CA ASP A 337 -20.83 -0.67 11.73
C ASP A 337 -19.89 0.53 11.62
N ALA A 338 -20.37 1.70 12.05
CA ALA A 338 -19.56 2.89 12.05
C ALA A 338 -18.58 2.78 13.21
N GLN A 339 -18.71 1.69 13.97
CA GLN A 339 -17.86 1.41 15.13
C GLN A 339 -17.09 0.13 14.89
N GLU A 340 -16.86 -0.17 13.62
CA GLU A 340 -16.14 -1.36 13.20
C GLU A 340 -16.74 -2.63 13.76
N ALA A 341 -18.04 -2.57 14.06
CA ALA A 341 -18.79 -3.70 14.61
C ALA A 341 -19.36 -4.53 13.46
N THR A 342 -19.97 -5.66 13.77
CA THR A 342 -20.52 -6.50 12.72
C THR A 342 -21.77 -7.22 13.18
N SER A 343 -22.18 -8.22 12.40
CA SER A 343 -23.37 -9.03 12.70
C SER A 343 -23.55 -9.15 14.20
N VAL A 344 -22.55 -9.69 14.87
CA VAL A 344 -22.58 -9.86 16.31
C VAL A 344 -22.10 -8.56 16.95
N PRO A 345 -22.79 -8.09 18.01
CA PRO A 345 -22.44 -6.86 18.73
C PRO A 345 -21.09 -6.84 19.43
N HIS A 346 -20.54 -8.00 19.78
CA HIS A 346 -19.25 -8.03 20.47
C HIS A 346 -18.09 -8.47 19.57
N ILE A 347 -18.36 -8.69 18.30
CA ILE A 347 -17.31 -9.08 17.36
C ILE A 347 -17.09 -7.91 16.40
N TYR A 348 -15.85 -7.45 16.29
CA TYR A 348 -15.54 -6.31 15.43
C TYR A 348 -14.49 -6.65 14.39
N ALA A 349 -14.54 -5.96 13.26
CA ALA A 349 -13.57 -6.17 12.19
C ALA A 349 -12.77 -4.90 11.95
N ILE A 350 -11.48 -5.08 11.66
CA ILE A 350 -10.56 -3.97 11.44
C ILE A 350 -9.55 -4.22 10.33
N GLY A 351 -9.27 -3.18 9.57
CA GLY A 351 -8.28 -3.29 8.50
C GLY A 351 -8.74 -3.75 7.15
N ASP A 352 -7.85 -4.46 6.46
CA ASP A 352 -8.11 -4.97 5.13
C ASP A 352 -9.36 -5.85 5.02
N VAL A 353 -9.82 -6.42 6.13
CA VAL A 353 -11.02 -7.28 6.10
C VAL A 353 -12.32 -6.48 6.18
N ALA A 354 -12.26 -5.32 6.82
CA ALA A 354 -13.44 -4.48 6.95
C ALA A 354 -13.80 -3.85 5.62
N GLU A 355 -15.03 -4.09 5.17
CA GLU A 355 -15.49 -3.53 3.91
C GLU A 355 -15.60 -2.01 3.99
N GLY A 356 -15.26 -1.35 2.87
CA GLY A 356 -15.33 0.11 2.82
C GLY A 356 -14.06 0.75 3.31
N ARG A 357 -13.52 0.23 4.40
CA ARG A 357 -12.29 0.78 4.97
C ARG A 357 -11.13 0.75 3.98
N PRO A 358 -10.36 1.85 3.94
CA PRO A 358 -9.20 1.96 3.04
C PRO A 358 -8.08 1.01 3.47
N GLU A 359 -7.49 0.32 2.50
CA GLU A 359 -6.42 -0.62 2.83
C GLU A 359 -5.08 0.08 3.07
N LEU A 360 -4.98 0.75 4.21
CA LEU A 360 -3.74 1.47 4.59
C LEU A 360 -3.37 1.06 6.01
N THR A 361 -2.08 1.16 6.32
CA THR A 361 -1.61 0.80 7.65
C THR A 361 -2.01 1.81 8.71
N PRO A 362 -1.87 3.11 8.43
CA PRO A 362 -2.24 4.11 9.41
C PRO A 362 -3.71 4.08 9.85
N THR A 363 -4.62 3.78 8.93
CA THR A 363 -6.04 3.76 9.28
C THR A 363 -6.36 2.57 10.16
N ALA A 364 -5.80 1.41 9.83
CA ALA A 364 -6.01 0.20 10.61
C ALA A 364 -5.47 0.43 12.01
N ILE A 365 -4.28 1.00 12.10
CA ILE A 365 -3.66 1.28 13.40
C ILE A 365 -4.59 2.12 14.27
N LYS A 366 -4.95 3.31 13.79
CA LYS A 366 -5.83 4.20 14.53
C LYS A 366 -7.19 3.59 14.79
N ALA A 367 -7.81 3.02 13.76
CA ALA A 367 -9.13 2.42 13.91
C ALA A 367 -9.14 1.46 15.09
N GLY A 368 -8.15 0.58 15.12
CA GLY A 368 -8.07 -0.40 16.18
C GLY A 368 -7.74 0.21 17.53
N LYS A 369 -6.90 1.25 17.51
CA LYS A 369 -6.49 1.95 18.72
C LYS A 369 -7.71 2.63 19.33
N LEU A 370 -8.49 3.32 18.50
CA LEU A 370 -9.69 4.01 18.95
C LEU A 370 -10.72 3.00 19.41
N LEU A 371 -10.82 1.87 18.71
CA LEU A 371 -11.77 0.83 19.08
C LEU A 371 -11.49 0.41 20.51
N ALA A 372 -10.21 0.32 20.86
CA ALA A 372 -9.83 -0.07 22.21
C ALA A 372 -10.28 1.02 23.14
N GLN A 373 -10.05 2.27 22.73
CA GLN A 373 -10.45 3.41 23.54
C GLN A 373 -11.95 3.41 23.80
N ARG A 374 -12.76 3.02 22.80
CA ARG A 374 -14.21 2.98 22.95
C ARG A 374 -14.68 1.86 23.88
N LEU A 375 -14.13 0.66 23.72
CA LEU A 375 -14.52 -0.47 24.56
C LEU A 375 -14.26 -0.26 26.05
N PHE A 376 -13.00 -0.34 26.46
CA PHE A 376 -12.65 -0.18 27.87
C PHE A 376 -11.78 1.03 28.16
N GLY A 377 -12.06 2.13 27.45
CA GLY A 377 -11.30 3.35 27.65
C GLY A 377 -12.23 4.51 27.99
N LYS A 378 -13.52 4.28 27.76
CA LYS A 378 -14.57 5.26 28.04
C LYS A 378 -14.68 6.38 27.00
N SER A 379 -14.08 6.17 25.83
CA SER A 379 -14.14 7.16 24.75
C SER A 379 -15.35 6.92 23.84
N SER A 380 -15.83 7.99 23.24
CA SER A 380 -16.98 7.90 22.34
C SER A 380 -16.60 8.36 20.93
N THR A 381 -15.31 8.61 20.71
CA THR A 381 -14.82 9.05 19.42
C THR A 381 -14.77 7.91 18.40
N LEU A 382 -15.22 8.20 17.18
CA LEU A 382 -15.24 7.20 16.12
C LEU A 382 -14.11 7.45 15.13
N MET A 383 -13.69 6.39 14.45
CA MET A 383 -12.64 6.51 13.46
C MET A 383 -13.20 7.33 12.28
N ASP A 384 -12.37 8.21 11.71
CA ASP A 384 -12.76 9.07 10.60
C ASP A 384 -11.91 8.76 9.36
N TYR A 385 -12.45 7.98 8.44
CA TYR A 385 -11.73 7.60 7.23
C TYR A 385 -11.84 8.59 6.08
N SER A 386 -12.35 9.78 6.34
CA SER A 386 -12.49 10.76 5.28
C SER A 386 -11.14 11.42 5.02
N ASN A 387 -10.95 11.92 3.80
CA ASN A 387 -9.74 12.61 3.40
C ASN A 387 -8.45 12.04 4.00
N VAL A 388 -8.18 10.77 3.71
CA VAL A 388 -6.96 10.18 4.22
C VAL A 388 -5.89 10.37 3.16
N PRO A 389 -4.77 10.99 3.53
CA PRO A 389 -3.70 11.21 2.55
C PRO A 389 -3.03 9.89 2.28
N THR A 390 -2.35 9.78 1.14
CA THR A 390 -1.63 8.55 0.77
C THR A 390 -0.50 8.92 -0.16
N THR A 391 0.36 7.94 -0.47
CA THR A 391 1.46 8.21 -1.39
C THR A 391 1.94 6.93 -2.04
N VAL A 392 1.94 6.90 -3.37
CA VAL A 392 2.43 5.71 -4.06
C VAL A 392 3.92 5.97 -4.30
N PHE A 393 4.75 5.06 -3.81
CA PHE A 393 6.18 5.25 -3.94
C PHE A 393 6.82 4.69 -5.19
N THR A 394 6.54 5.39 -6.29
CA THR A 394 7.05 5.05 -7.61
C THR A 394 8.27 5.94 -7.91
N PRO A 395 9.12 5.52 -8.85
CA PRO A 395 10.31 6.28 -9.20
C PRO A 395 10.08 7.75 -8.90
N LEU A 396 9.00 8.29 -9.45
CA LEU A 396 8.65 9.67 -9.16
C LEU A 396 7.41 9.49 -8.29
N GLU A 397 7.52 9.92 -7.04
CA GLU A 397 6.45 9.77 -6.07
C GLU A 397 5.19 10.57 -6.31
N TYR A 398 4.07 9.94 -6.00
CA TYR A 398 2.75 10.53 -6.17
C TYR A 398 2.02 10.56 -4.86
N GLY A 399 1.89 11.75 -4.31
CA GLY A 399 1.19 11.90 -3.05
C GLY A 399 -0.10 12.64 -3.30
N CYS A 400 -1.16 12.23 -2.61
CA CYS A 400 -2.44 12.90 -2.79
C CYS A 400 -3.33 12.75 -1.58
N VAL A 401 -4.27 13.67 -1.47
CA VAL A 401 -5.21 13.68 -0.38
C VAL A 401 -6.49 14.39 -0.84
N GLY A 402 -7.63 13.85 -0.44
CA GLY A 402 -8.88 14.47 -0.84
C GLY A 402 -9.37 13.96 -2.18
N LEU A 403 -10.31 14.69 -2.77
CA LEU A 403 -10.91 14.31 -4.03
C LEU A 403 -10.08 14.28 -5.30
N SER A 404 -10.41 13.31 -6.13
CA SER A 404 -9.78 13.16 -7.43
C SER A 404 -10.43 14.29 -8.23
N GLU A 405 -9.76 14.80 -9.25
CA GLU A 405 -10.39 15.85 -10.05
C GLU A 405 -11.70 15.27 -10.54
N GLU A 406 -11.58 14.23 -11.35
CA GLU A 406 -12.78 13.58 -11.89
C GLU A 406 -13.78 13.33 -10.76
N GLU A 407 -13.29 12.85 -9.63
CA GLU A 407 -14.13 12.57 -8.47
C GLU A 407 -14.87 13.83 -8.00
N ALA A 408 -14.19 14.97 -8.09
CA ALA A 408 -14.76 16.24 -7.65
C ALA A 408 -15.92 16.71 -8.54
N VAL A 409 -15.79 16.60 -9.86
CA VAL A 409 -16.85 17.02 -10.77
C VAL A 409 -18.05 16.07 -10.65
N ALA A 410 -17.80 14.84 -10.23
CA ALA A 410 -18.86 13.88 -10.08
C ALA A 410 -19.76 14.30 -8.92
N LEU A 411 -19.18 14.92 -7.90
CA LEU A 411 -19.93 15.34 -6.72
C LEU A 411 -20.38 16.76 -6.70
N HIS A 412 -19.89 17.58 -7.61
CA HIS A 412 -20.27 18.99 -7.62
C HIS A 412 -20.61 19.47 -9.01
N GLY A 413 -20.01 18.85 -10.00
CA GLY A 413 -20.25 19.26 -11.38
C GLY A 413 -19.15 20.19 -11.85
N GLN A 414 -18.62 19.92 -13.04
CA GLN A 414 -17.56 20.74 -13.62
C GLN A 414 -17.83 22.21 -13.33
N GLU A 415 -19.10 22.59 -13.44
CA GLU A 415 -19.57 23.95 -13.23
C GLU A 415 -19.18 24.59 -11.89
N HIS A 416 -19.02 23.79 -10.83
CA HIS A 416 -18.70 24.32 -9.52
C HIS A 416 -17.35 23.90 -8.94
N VAL A 417 -16.40 23.59 -9.83
CA VAL A 417 -15.08 23.16 -9.42
C VAL A 417 -13.99 23.95 -10.16
N GLU A 418 -13.01 24.44 -9.41
CA GLU A 418 -11.91 25.17 -10.01
C GLU A 418 -10.66 24.33 -9.73
N VAL A 419 -9.85 24.11 -10.76
CA VAL A 419 -8.63 23.32 -10.61
C VAL A 419 -7.37 24.12 -10.94
N TYR A 420 -6.50 24.32 -9.95
CA TYR A 420 -5.24 25.04 -10.18
C TYR A 420 -4.12 24.02 -10.40
N HIS A 421 -3.22 24.30 -11.35
CA HIS A 421 -2.16 23.34 -11.60
C HIS A 421 -0.86 23.97 -12.03
N ALA A 422 0.19 23.15 -12.07
CA ALA A 422 1.52 23.64 -12.42
C ALA A 422 2.61 22.58 -12.61
N TYR A 423 3.47 22.83 -13.60
CA TYR A 423 4.64 21.99 -13.87
C TYR A 423 5.75 22.81 -13.23
N TYR A 424 6.58 22.16 -12.44
CA TYR A 424 7.64 22.86 -11.73
C TYR A 424 8.94 22.08 -11.86
N LYS A 425 10.04 22.66 -11.42
CA LYS A 425 11.31 21.98 -11.52
C LYS A 425 12.09 22.08 -10.21
N PRO A 426 12.31 20.94 -9.52
CA PRO A 426 13.04 20.90 -8.25
C PRO A 426 14.42 21.52 -8.45
N LEU A 427 14.80 22.41 -7.54
CA LEU A 427 16.09 23.04 -7.64
C LEU A 427 17.17 21.97 -7.85
N GLU A 428 17.13 20.91 -7.04
CA GLU A 428 18.11 19.85 -7.13
C GLU A 428 18.20 19.16 -8.49
N PHE A 429 17.12 19.22 -9.28
CA PHE A 429 17.07 18.60 -10.62
C PHE A 429 17.85 19.42 -11.63
N THR A 430 17.95 20.71 -11.40
CA THR A 430 18.65 21.61 -12.32
C THR A 430 20.12 21.29 -12.49
N VAL A 431 20.87 21.20 -11.39
CA VAL A 431 22.30 20.89 -11.49
C VAL A 431 22.54 19.43 -11.86
N ALA A 432 21.63 18.55 -11.47
CA ALA A 432 21.80 17.13 -11.76
C ALA A 432 21.36 16.88 -13.19
N ASP A 433 20.72 17.88 -13.79
CA ASP A 433 20.24 17.77 -15.16
C ASP A 433 19.33 16.56 -15.33
N ARG A 434 18.41 16.37 -14.40
CA ARG A 434 17.48 15.26 -14.56
C ARG A 434 16.07 15.74 -14.85
N ASP A 435 15.51 15.21 -15.94
CA ASP A 435 14.16 15.51 -16.43
C ASP A 435 13.10 15.85 -15.39
N ALA A 436 12.43 16.99 -15.59
CA ALA A 436 11.40 17.45 -14.69
C ALA A 436 10.00 17.20 -15.20
N SER A 437 9.86 16.62 -16.39
CA SER A 437 8.53 16.34 -16.91
C SER A 437 7.85 15.51 -15.83
N GLN A 438 6.53 15.42 -15.88
CA GLN A 438 5.81 14.66 -14.87
C GLN A 438 5.80 15.31 -13.48
N CYS A 439 6.67 16.30 -13.24
CA CYS A 439 6.65 16.99 -11.95
C CYS A 439 5.51 17.98 -12.14
N TYR A 440 4.32 17.54 -11.77
CA TYR A 440 3.12 18.32 -11.96
C TYR A 440 2.38 18.40 -10.64
N ILE A 441 1.69 19.51 -10.41
CA ILE A 441 0.94 19.65 -9.17
C ILE A 441 -0.43 20.23 -9.46
N LYS A 442 -1.48 19.58 -8.99
CA LYS A 442 -2.79 20.16 -9.21
C LYS A 442 -3.58 20.15 -7.91
N MET A 443 -4.34 21.22 -7.69
CA MET A 443 -5.15 21.41 -6.50
C MET A 443 -6.61 21.65 -6.90
N VAL A 444 -7.46 20.71 -6.53
CA VAL A 444 -8.88 20.77 -6.82
C VAL A 444 -9.65 21.49 -5.72
N CYS A 445 -10.30 22.60 -6.07
CA CYS A 445 -11.08 23.38 -5.11
C CYS A 445 -12.51 23.59 -5.57
N MET A 446 -13.34 24.12 -4.69
CA MET A 446 -14.71 24.42 -5.03
C MET A 446 -14.56 25.75 -5.79
N ARG A 447 -15.37 25.98 -6.82
CA ARG A 447 -15.23 27.23 -7.58
C ARG A 447 -15.67 28.51 -6.83
N GLU A 448 -16.71 28.41 -6.02
CA GLU A 448 -17.20 29.56 -5.26
C GLU A 448 -16.25 29.90 -4.11
N PRO A 449 -15.92 31.19 -3.95
CA PRO A 449 -15.02 31.63 -2.88
C PRO A 449 -15.53 31.28 -1.49
N PRO A 450 -14.61 31.18 -0.50
CA PRO A 450 -13.17 31.37 -0.61
C PRO A 450 -12.51 30.22 -1.37
N GLN A 451 -13.34 29.32 -1.87
CA GLN A 451 -12.91 28.16 -2.64
C GLN A 451 -12.28 27.07 -1.79
N LEU A 452 -13.13 26.36 -1.03
CA LEU A 452 -12.64 25.28 -0.19
C LEU A 452 -11.88 24.27 -1.05
N VAL A 453 -10.80 23.73 -0.50
CA VAL A 453 -9.96 22.76 -1.17
C VAL A 453 -10.54 21.37 -1.03
N LEU A 454 -10.75 20.69 -2.16
CA LEU A 454 -11.32 19.34 -2.15
C LEU A 454 -10.28 18.24 -2.23
N GLY A 455 -9.20 18.50 -2.95
CA GLY A 455 -8.16 17.50 -3.07
C GLY A 455 -6.89 18.14 -3.56
N LEU A 456 -5.74 17.56 -3.20
CA LEU A 456 -4.45 18.09 -3.63
C LEU A 456 -3.66 16.95 -4.22
N HIS A 457 -2.95 17.22 -5.31
CA HIS A 457 -2.15 16.18 -5.94
C HIS A 457 -0.75 16.65 -6.23
N PHE A 458 0.21 15.88 -5.73
CA PHE A 458 1.62 16.20 -5.89
C PHE A 458 2.38 15.05 -6.51
N LEU A 459 3.20 15.38 -7.50
CA LEU A 459 4.02 14.42 -8.18
C LEU A 459 5.44 14.98 -8.22
N GLY A 460 6.35 14.30 -7.53
CA GLY A 460 7.73 14.75 -7.47
C GLY A 460 8.47 14.10 -6.30
N PRO A 461 9.65 14.61 -5.94
CA PRO A 461 10.46 14.07 -4.85
C PRO A 461 9.78 14.19 -3.48
N ASN A 462 9.90 13.16 -2.66
CA ASN A 462 9.36 13.25 -1.31
C ASN A 462 7.89 13.70 -1.31
N ALA A 463 7.06 12.97 -2.06
CA ALA A 463 5.64 13.29 -2.18
C ALA A 463 4.86 13.12 -0.89
N GLY A 464 5.14 12.05 -0.16
CA GLY A 464 4.47 11.80 1.10
C GLY A 464 4.88 12.86 2.11
N GLU A 465 6.15 13.27 2.03
CA GLU A 465 6.66 14.27 2.94
C GLU A 465 5.92 15.57 2.73
N VAL A 466 5.62 15.87 1.47
CA VAL A 466 4.91 17.10 1.13
C VAL A 466 3.42 17.06 1.45
N THR A 467 2.75 15.99 1.03
CA THR A 467 1.30 15.86 1.19
C THR A 467 0.80 15.87 2.61
N GLN A 468 1.50 15.18 3.51
CA GLN A 468 1.09 15.10 4.91
C GLN A 468 0.52 16.39 5.48
N GLY A 469 1.35 17.43 5.57
CA GLY A 469 0.91 18.69 6.12
C GLY A 469 -0.37 19.23 5.52
N PHE A 470 -0.50 19.12 4.20
CA PHE A 470 -1.68 19.62 3.54
C PHE A 470 -2.95 18.84 3.94
N ALA A 471 -2.74 17.63 4.45
CA ALA A 471 -3.84 16.78 4.90
C ALA A 471 -4.47 17.47 6.10
N LEU A 472 -3.63 18.06 6.94
CA LEU A 472 -4.15 18.77 8.09
C LEU A 472 -4.92 19.97 7.57
N GLY A 473 -4.45 20.53 6.47
CA GLY A 473 -5.15 21.68 5.90
C GLY A 473 -6.56 21.32 5.48
N ILE A 474 -6.73 20.16 4.87
CA ILE A 474 -8.04 19.72 4.42
C ILE A 474 -8.95 19.31 5.57
N LYS A 475 -8.37 18.71 6.61
CA LYS A 475 -9.15 18.26 7.76
C LYS A 475 -9.68 19.47 8.49
N CYS A 476 -9.06 20.62 8.25
CA CYS A 476 -9.42 21.86 8.90
C CYS A 476 -10.32 22.75 8.05
N GLY A 477 -10.48 22.37 6.78
CA GLY A 477 -11.32 23.13 5.88
C GLY A 477 -10.62 24.27 5.16
N ALA A 478 -9.29 24.19 5.02
CA ALA A 478 -8.51 25.23 4.35
C ALA A 478 -9.18 25.72 3.06
N SER A 479 -8.88 26.95 2.67
CA SER A 479 -9.46 27.51 1.45
C SER A 479 -8.34 28.01 0.53
N TYR A 480 -8.65 28.15 -0.75
CA TYR A 480 -7.65 28.60 -1.70
C TYR A 480 -7.21 30.00 -1.32
N ALA A 481 -8.14 30.75 -0.73
CA ALA A 481 -7.86 32.12 -0.27
C ALA A 481 -6.77 32.02 0.76
N GLN A 482 -6.88 31.03 1.64
CA GLN A 482 -5.88 30.84 2.66
C GLN A 482 -4.57 30.33 2.03
N VAL A 483 -4.68 29.53 0.97
CA VAL A 483 -3.48 29.03 0.31
C VAL A 483 -2.67 30.20 -0.24
N MET A 484 -3.37 31.16 -0.82
CA MET A 484 -2.72 32.33 -1.39
C MET A 484 -2.06 33.19 -0.32
N GLN A 485 -2.62 33.18 0.89
CA GLN A 485 -2.06 33.98 1.98
C GLN A 485 -1.02 33.18 2.79
N THR A 486 -0.65 32.01 2.29
CA THR A 486 0.33 31.16 2.96
C THR A 486 1.66 31.24 2.22
N VAL A 487 2.64 31.93 2.80
CA VAL A 487 3.95 32.09 2.20
C VAL A 487 4.67 30.76 2.07
N GLY A 488 5.53 30.64 1.07
CA GLY A 488 6.24 29.39 0.89
C GLY A 488 7.64 29.36 1.49
N ILE A 489 8.18 28.16 1.65
CA ILE A 489 9.51 28.00 2.17
C ILE A 489 10.34 27.88 0.91
N HIS A 490 11.25 28.83 0.73
CA HIS A 490 12.09 28.86 -0.43
C HIS A 490 13.56 28.57 -0.09
N PRO A 491 14.20 27.70 -0.88
CA PRO A 491 13.53 27.08 -2.02
C PRO A 491 13.19 25.62 -1.73
N THR A 492 12.00 25.19 -2.13
CA THR A 492 11.55 23.81 -1.92
C THR A 492 10.53 23.45 -2.98
N CYS A 493 10.13 22.20 -3.03
CA CYS A 493 9.12 21.76 -3.98
C CYS A 493 7.75 22.10 -3.43
N SER A 494 7.53 21.80 -2.15
CA SER A 494 6.23 22.11 -1.53
C SER A 494 5.79 23.57 -1.68
N GLU A 495 6.72 24.51 -1.77
CA GLU A 495 6.29 25.91 -1.92
C GLU A 495 5.46 26.08 -3.18
N GLU A 496 5.74 25.27 -4.19
CA GLU A 496 5.01 25.31 -5.45
C GLU A 496 3.53 25.08 -5.16
N VAL A 497 3.25 24.22 -4.21
CA VAL A 497 1.86 23.93 -3.85
C VAL A 497 1.14 25.22 -3.47
N VAL A 498 1.86 26.07 -2.75
CA VAL A 498 1.34 27.33 -2.26
C VAL A 498 1.38 28.47 -3.30
N LYS A 499 2.20 28.32 -4.34
CA LYS A 499 2.33 29.34 -5.36
C LYS A 499 1.33 29.18 -6.51
N LEU A 500 0.58 28.07 -6.49
CA LEU A 500 -0.39 27.80 -7.53
C LEU A 500 -1.34 28.97 -7.75
N HIS A 501 -1.49 29.38 -9.02
CA HIS A 501 -2.36 30.48 -9.39
C HIS A 501 -3.07 30.28 -10.73
N ILE A 502 -2.54 29.41 -11.58
CA ILE A 502 -3.14 29.16 -12.89
C ILE A 502 -4.22 28.07 -12.93
N SER A 503 -5.48 28.49 -13.13
CA SER A 503 -6.56 27.52 -13.19
C SER A 503 -6.61 26.83 -14.55
N LYS A 504 -7.29 25.70 -14.60
CA LYS A 504 -7.42 24.96 -15.85
C LYS A 504 -8.44 25.67 -16.71
N ARG A 505 -9.45 26.26 -16.07
CA ARG A 505 -10.50 26.98 -16.79
C ARG A 505 -9.91 28.11 -17.60
N SER A 506 -9.00 28.85 -16.97
CA SER A 506 -8.34 29.98 -17.63
C SER A 506 -7.72 29.58 -18.96
N GLY A 507 -7.40 28.30 -19.12
CA GLY A 507 -6.80 27.83 -20.36
C GLY A 507 -5.32 28.15 -20.52
N LEU A 508 -4.76 28.91 -19.58
CA LEU A 508 -3.36 29.30 -19.63
C LEU A 508 -2.33 28.18 -19.47
N GLU A 509 -1.13 28.42 -19.99
CA GLU A 509 -0.02 27.48 -19.93
C GLU A 509 0.33 27.25 -18.46
N PRO A 510 0.40 25.99 -18.03
CA PRO A 510 0.73 25.67 -16.63
C PRO A 510 2.22 25.67 -16.22
N THR A 511 3.14 25.98 -17.14
CA THR A 511 4.56 25.97 -16.79
C THR A 511 5.14 27.36 -16.46
#